data_6PAX
#
_entry.id   6PAX
#
_cell.length_a   33.840
_cell.length_b   61.686
_cell.length_c   171.111
_cell.angle_alpha   90.00
_cell.angle_beta   90.00
_cell.angle_gamma   90.00
#
_symmetry.space_group_name_H-M   'P 21 21 21'
#
loop_
_entity.id
_entity.type
_entity.pdbx_description
1 polymer '26 NUCLEOTIDE DNA'
2 polymer '26 NUCLEOTIDE DNA'
3 polymer 'HOMEOBOX PROTEIN PAX-6'
4 water water
#
loop_
_entity_poly.entity_id
_entity_poly.type
_entity_poly.pdbx_seq_one_letter_code
_entity_poly.pdbx_strand_id
1 'polydeoxyribonucleotide'
;(DA)(DA)(DG)(DC)(DA)(DT)(DT)(DT)(DT)(DC)(DA)(DC)(DG)(DC)(DA)(DT)(DG)(DA)(DG)(DT)
(DG)(DC)(DA)(DC)(DA)(DG)
;
B
2 'polydeoxyribonucleotide'
;(DT)(DT)(DC)(DT)(DG)(DT)(DG)(DC)(DA)(DC)(DT)(DC)(DA)(DT)(DG)(DC)(DG)(DT)(DG)(DA)
(DA)(DA)(DA)(DT)(DG)(DC)
;
C
3 'polypeptide(L)'
;SHSGVNQLGGVFVNGRPLPDSTRQRIVELAHSGARPCDISRILQVSNGCVSKILGRYYATGSIRPRAIGGSKPRVATPEV
VSKIAQYKQECPSIFAWEIRDRLLSEGVCTNDNIPSVSSINRVLRNLASEKQQ
;
A
#
loop_
_chem_comp.id
_chem_comp.type
_chem_comp.name
_chem_comp.formula
DA DNA linking 2'-DEOXYADENOSINE-5'-MONOPHOSPHATE 'C10 H14 N5 O6 P'
DC DNA linking 2'-DEOXYCYTIDINE-5'-MONOPHOSPHATE 'C9 H14 N3 O7 P'
DG DNA linking 2'-DEOXYGUANOSINE-5'-MONOPHOSPHATE 'C10 H14 N5 O7 P'
DT DNA linking THYMIDINE-5'-MONOPHOSPHATE 'C10 H15 N2 O8 P'
#
# COMPACT_ATOMS: atom_id res chain seq x y z
N SER C 1 4.79 -11.50 -15.09
CA SER C 1 5.07 -10.40 -16.02
C SER C 1 6.21 -10.75 -16.99
N HIS C 2 6.57 -9.80 -17.86
CA HIS C 2 7.65 -9.99 -18.85
C HIS C 2 8.22 -8.67 -19.32
N SER C 3 9.50 -8.69 -19.67
CA SER C 3 10.18 -7.52 -20.16
C SER C 3 9.83 -7.21 -21.61
N GLY C 4 9.97 -5.94 -21.96
CA GLY C 4 9.68 -5.50 -23.31
C GLY C 4 10.60 -4.36 -23.63
N VAL C 5 10.50 -3.88 -24.85
CA VAL C 5 11.33 -2.77 -25.30
C VAL C 5 10.42 -1.60 -25.62
N ASN C 6 10.82 -0.39 -25.25
CA ASN C 6 9.98 0.77 -25.58
C ASN C 6 10.52 1.42 -26.85
N GLN C 7 9.82 2.44 -27.34
CA GLN C 7 10.22 3.14 -28.55
C GLN C 7 11.65 3.69 -28.53
N LEU C 8 12.30 3.60 -27.38
CA LEU C 8 13.66 4.11 -27.17
C LEU C 8 14.69 3.01 -27.01
N GLY C 9 14.23 1.77 -27.02
CA GLY C 9 15.14 0.65 -26.84
C GLY C 9 15.31 0.31 -25.36
N GLY C 10 14.51 0.95 -24.52
CA GLY C 10 14.57 0.69 -23.10
C GLY C 10 13.74 -0.54 -22.76
N VAL C 11 14.21 -1.31 -21.79
CA VAL C 11 13.45 -2.49 -21.36
C VAL C 11 12.58 -2.06 -20.16
N PHE C 12 11.29 -2.38 -20.27
CA PHE C 12 10.34 -2.08 -19.22
C PHE C 12 9.45 -3.30 -19.00
N VAL C 13 8.92 -3.43 -17.80
CA VAL C 13 7.99 -4.51 -17.49
C VAL C 13 6.63 -3.89 -17.27
N ASN C 14 5.76 -4.01 -18.28
CA ASN C 14 4.42 -3.42 -18.24
C ASN C 14 3.62 -3.66 -16.96
N GLY C 15 3.36 -2.57 -16.25
CA GLY C 15 2.60 -2.61 -15.00
C GLY C 15 3.43 -2.65 -13.74
N ARG C 16 4.75 -2.65 -13.90
CA ARG C 16 5.64 -2.74 -12.74
C ARG C 16 6.53 -1.52 -12.68
N PRO C 17 7.11 -1.23 -11.51
CA PRO C 17 7.98 -0.06 -11.42
C PRO C 17 9.31 -0.25 -12.07
N LEU C 18 9.91 0.87 -12.41
CA LEU C 18 11.24 0.86 -12.99
C LEU C 18 12.15 0.44 -11.84
N PRO C 19 13.21 -0.33 -12.12
CA PRO C 19 14.13 -0.78 -11.06
C PRO C 19 14.70 0.40 -10.27
N ASP C 20 14.96 0.17 -8.98
CA ASP C 20 15.50 1.23 -8.13
C ASP C 20 16.79 1.80 -8.67
N SER C 21 17.56 0.96 -9.35
CA SER C 21 18.83 1.39 -9.89
C SER C 21 18.61 2.50 -10.91
N THR C 22 17.60 2.33 -11.77
CA THR C 22 17.27 3.30 -12.79
C THR C 22 16.71 4.53 -12.12
N ARG C 23 15.89 4.34 -11.09
CA ARG C 23 15.33 5.48 -10.37
C ARG C 23 16.43 6.34 -9.72
N GLN C 24 17.43 5.68 -9.13
CA GLN C 24 18.55 6.39 -8.53
C GLN C 24 19.31 7.15 -9.62
N ARG C 25 19.53 6.49 -10.75
CA ARG C 25 20.25 7.07 -11.88
C ARG C 25 19.57 8.35 -12.30
N ILE C 26 18.24 8.28 -12.45
CA ILE C 26 17.45 9.40 -12.88
C ILE C 26 17.73 10.63 -12.02
N VAL C 27 17.69 10.45 -10.69
CA VAL C 27 17.94 11.55 -9.79
C VAL C 27 19.40 11.93 -9.80
N GLU C 28 20.27 10.93 -9.92
CA GLU C 28 21.72 11.17 -9.99
C GLU C 28 22.07 12.07 -11.21
N LEU C 29 21.51 11.74 -12.37
CA LEU C 29 21.75 12.51 -13.59
C LEU C 29 21.18 13.91 -13.47
N ALA C 30 19.96 14.04 -12.96
CA ALA C 30 19.35 15.35 -12.75
C ALA C 30 20.24 16.21 -11.85
N HIS C 31 20.71 15.60 -10.76
CA HIS C 31 21.55 16.30 -9.80
C HIS C 31 22.80 16.88 -10.48
N SER C 32 23.37 16.15 -11.44
CA SER C 32 24.54 16.62 -12.13
C SER C 32 24.25 17.62 -13.26
N GLY C 33 22.99 18.00 -13.41
CA GLY C 33 22.65 19.00 -14.41
C GLY C 33 22.01 18.51 -15.69
N ALA C 34 21.58 17.26 -15.74
CA ALA C 34 20.95 16.78 -16.97
C ALA C 34 19.47 17.15 -16.98
N ARG C 35 19.00 17.63 -18.12
CA ARG C 35 17.59 17.97 -18.29
C ARG C 35 16.82 16.67 -18.41
N PRO C 36 15.52 16.70 -18.12
CA PRO C 36 14.70 15.50 -18.23
C PRO C 36 14.84 14.76 -19.55
N CYS C 37 14.84 15.49 -20.67
CA CYS C 37 14.99 14.88 -21.99
C CYS C 37 16.32 14.15 -22.14
N ASP C 38 17.37 14.72 -21.56
CA ASP C 38 18.70 14.11 -21.58
C ASP C 38 18.66 12.78 -20.82
N ILE C 39 18.08 12.82 -19.63
CA ILE C 39 17.95 11.64 -18.79
C ILE C 39 17.18 10.56 -19.52
N SER C 40 16.12 10.96 -20.20
CA SER C 40 15.29 10.07 -20.96
C SER C 40 16.09 9.36 -22.05
N ARG C 41 16.87 10.15 -22.79
CA ARG C 41 17.70 9.65 -23.88
C ARG C 41 18.75 8.67 -23.38
N ILE C 42 19.54 9.09 -22.40
CA ILE C 42 20.62 8.30 -21.83
C ILE C 42 20.16 7.00 -21.24
N LEU C 43 19.11 7.06 -20.44
CA LEU C 43 18.58 5.88 -19.77
C LEU C 43 17.51 5.14 -20.52
N GLN C 44 17.15 5.65 -21.70
CA GLN C 44 16.11 5.06 -22.54
C GLN C 44 14.80 4.81 -21.78
N VAL C 45 14.40 5.81 -21.00
CA VAL C 45 13.18 5.80 -20.23
C VAL C 45 12.25 6.83 -20.83
N SER C 46 10.94 6.54 -20.84
CA SER C 46 10.00 7.48 -21.45
C SER C 46 10.00 8.82 -20.72
N ASN C 47 9.90 9.90 -21.49
CA ASN C 47 9.88 11.24 -20.92
C ASN C 47 8.87 11.43 -19.82
N GLY C 48 7.65 10.90 -20.02
CA GLY C 48 6.60 11.00 -19.02
C GLY C 48 6.98 10.33 -17.72
N CYS C 49 7.72 9.25 -17.82
CA CYS C 49 8.14 8.49 -16.64
C CYS C 49 9.22 9.28 -15.91
N VAL C 50 10.16 9.81 -16.65
CA VAL C 50 11.24 10.59 -16.06
C VAL C 50 10.63 11.75 -15.30
N SER C 51 9.66 12.37 -15.94
CA SER C 51 8.97 13.50 -15.33
C SER C 51 8.29 13.15 -13.99
N LYS C 52 7.56 12.03 -13.97
CA LYS C 52 6.84 11.61 -12.79
C LYS C 52 7.80 11.29 -11.65
N ILE C 53 8.84 10.52 -11.96
CA ILE C 53 9.79 10.12 -10.94
C ILE C 53 10.54 11.32 -10.39
N LEU C 54 11.04 12.16 -11.28
CA LEU C 54 11.74 13.35 -10.81
C LEU C 54 10.82 14.21 -9.95
N GLY C 55 9.62 14.43 -10.45
CA GLY C 55 8.63 15.25 -9.77
C GLY C 55 8.33 14.76 -8.37
N ARG C 56 8.10 13.46 -8.24
CA ARG C 56 7.80 12.90 -6.95
C ARG C 56 9.02 12.98 -6.03
N TYR C 57 10.22 12.83 -6.58
CA TYR C 57 11.43 12.93 -5.80
C TYR C 57 11.54 14.32 -5.22
N TYR C 58 11.27 15.34 -6.02
CA TYR C 58 11.39 16.70 -5.52
C TYR C 58 10.32 17.03 -4.50
N ALA C 59 9.19 16.36 -4.58
CA ALA C 59 8.11 16.61 -3.63
C ALA C 59 8.28 15.80 -2.37
N THR C 60 8.79 14.58 -2.46
CA THR C 60 8.88 13.74 -1.27
C THR C 60 10.24 13.25 -0.88
N GLY C 61 11.23 13.51 -1.73
CA GLY C 61 12.58 13.06 -1.45
C GLY C 61 12.71 11.54 -1.59
N SER C 62 11.67 10.87 -2.07
CA SER C 62 11.70 9.43 -2.21
C SER C 62 11.84 9.00 -3.67
N ILE C 63 12.65 7.99 -3.91
CA ILE C 63 12.82 7.44 -5.26
C ILE C 63 12.04 6.11 -5.35
N ARG C 64 11.56 5.63 -4.21
CA ARG C 64 10.84 4.37 -4.16
C ARG C 64 9.47 4.50 -4.78
N PRO C 65 9.02 3.45 -5.47
CA PRO C 65 7.69 3.47 -6.08
C PRO C 65 6.64 3.36 -5.00
N ARG C 66 5.41 3.76 -5.27
CA ARG C 66 4.35 3.59 -4.25
C ARG C 66 3.76 2.17 -4.34
N ALA C 67 3.04 1.75 -3.31
CA ALA C 67 2.45 0.42 -3.27
C ALA C 67 1.34 0.23 -4.29
N ILE C 68 1.53 -0.79 -5.12
CA ILE C 68 0.56 -1.12 -6.15
C ILE C 68 -0.41 -2.14 -5.58
N GLY C 69 -1.64 -2.11 -6.07
CA GLY C 69 -2.61 -3.09 -5.62
C GLY C 69 -3.07 -3.12 -4.18
N GLY C 70 -3.21 -4.34 -3.68
CA GLY C 70 -3.71 -4.54 -2.33
C GLY C 70 -5.10 -3.99 -2.32
N SER C 71 -5.60 -3.67 -1.13
CA SER C 71 -6.94 -3.10 -1.00
C SER C 71 -7.06 -2.40 0.33
N LYS C 72 -8.14 -1.66 0.52
CA LYS C 72 -8.36 -0.99 1.79
C LYS C 72 -9.35 -1.80 2.63
N PRO C 73 -9.28 -1.65 3.96
CA PRO C 73 -10.15 -2.35 4.89
C PRO C 73 -11.61 -2.12 4.55
N ARG C 74 -12.35 -3.21 4.43
CA ARG C 74 -13.77 -3.16 4.10
C ARG C 74 -14.64 -3.39 5.31
N VAL C 75 -14.34 -4.45 6.04
CA VAL C 75 -15.15 -4.76 7.23
C VAL C 75 -14.40 -4.38 8.49
N ALA C 76 -13.10 -4.72 8.53
CA ALA C 76 -12.26 -4.44 9.69
C ALA C 76 -11.73 -2.99 9.65
N THR C 77 -12.64 -2.03 9.62
CA THR C 77 -12.27 -0.63 9.59
C THR C 77 -11.67 -0.24 10.95
N PRO C 78 -10.94 0.89 11.03
CA PRO C 78 -10.35 1.29 12.32
C PRO C 78 -11.31 1.35 13.50
N GLU C 79 -12.47 1.97 13.33
CA GLU C 79 -13.43 2.06 14.43
C GLU C 79 -13.90 0.67 14.90
N VAL C 80 -14.09 -0.23 13.94
CA VAL C 80 -14.55 -1.60 14.21
C VAL C 80 -13.45 -2.32 14.98
N VAL C 81 -12.22 -2.14 14.52
CA VAL C 81 -11.08 -2.76 15.17
C VAL C 81 -10.96 -2.27 16.61
N SER C 82 -11.14 -0.97 16.83
CA SER C 82 -11.09 -0.40 18.17
C SER C 82 -12.16 -1.04 19.03
N LYS C 83 -13.36 -1.17 18.49
CA LYS C 83 -14.47 -1.78 19.20
C LYS C 83 -14.17 -3.23 19.58
N ILE C 84 -13.67 -3.99 18.63
CA ILE C 84 -13.36 -5.37 18.88
C ILE C 84 -12.38 -5.45 20.04
N ALA C 85 -11.34 -4.61 20.00
CA ALA C 85 -10.36 -4.57 21.06
C ALA C 85 -11.05 -4.18 22.35
N GLN C 86 -11.97 -3.24 22.24
CA GLN C 86 -12.74 -2.74 23.37
C GLN C 86 -13.52 -3.88 24.02
N TYR C 87 -14.17 -4.73 23.22
CA TYR C 87 -14.96 -5.83 23.76
C TYR C 87 -14.08 -6.86 24.45
N LYS C 88 -13.00 -7.27 23.79
CA LYS C 88 -12.06 -8.25 24.34
C LYS C 88 -11.44 -7.78 25.61
N GLN C 89 -11.11 -6.49 25.63
CA GLN C 89 -10.50 -5.91 26.81
C GLN C 89 -11.34 -6.11 28.08
N GLU C 90 -12.62 -5.78 27.99
CA GLU C 90 -13.53 -5.88 29.14
C GLU C 90 -14.06 -7.26 29.41
N CYS C 91 -13.92 -8.17 28.45
CA CYS C 91 -14.34 -9.55 28.65
C CYS C 91 -13.55 -10.48 27.75
N PRO C 92 -12.35 -10.86 28.20
CA PRO C 92 -11.42 -11.75 27.49
C PRO C 92 -12.00 -13.08 27.05
N SER C 93 -12.91 -13.62 27.86
CA SER C 93 -13.51 -14.92 27.58
C SER C 93 -14.57 -14.89 26.48
N ILE C 94 -14.78 -13.72 25.89
CA ILE C 94 -15.79 -13.54 24.86
C ILE C 94 -15.47 -14.26 23.56
N PHE C 95 -16.52 -14.81 22.92
CA PHE C 95 -16.40 -15.52 21.65
C PHE C 95 -16.52 -14.57 20.47
N ALA C 96 -15.93 -14.94 19.33
CA ALA C 96 -15.99 -14.09 18.15
C ALA C 96 -17.42 -13.77 17.75
N TRP C 97 -18.28 -14.79 17.76
CA TRP C 97 -19.67 -14.59 17.39
C TRP C 97 -20.36 -13.64 18.39
N GLU C 98 -19.95 -13.72 19.65
CA GLU C 98 -20.51 -12.84 20.68
C GLU C 98 -20.09 -11.41 20.35
N ILE C 99 -18.84 -11.27 19.91
CA ILE C 99 -18.33 -9.96 19.51
C ILE C 99 -19.10 -9.48 18.28
N ARG C 100 -19.39 -10.40 17.36
CA ARG C 100 -20.13 -10.04 16.14
C ARG C 100 -21.48 -9.45 16.51
N ASP C 101 -22.25 -10.24 17.24
CA ASP C 101 -23.57 -9.85 17.74
C ASP C 101 -23.55 -8.48 18.37
N ARG C 102 -22.50 -8.19 19.12
CA ARG C 102 -22.34 -6.89 19.77
C ARG C 102 -22.21 -5.78 18.74
N LEU C 103 -21.24 -5.91 17.84
CA LEU C 103 -21.02 -4.90 16.78
C LEU C 103 -22.33 -4.59 16.07
N LEU C 104 -23.17 -5.62 15.94
CA LEU C 104 -24.45 -5.48 15.29
C LEU C 104 -25.45 -4.74 16.13
N SER C 105 -25.71 -5.25 17.33
CA SER C 105 -26.69 -4.67 18.23
C SER C 105 -26.37 -3.24 18.61
N GLU C 106 -25.10 -2.97 18.86
CA GLU C 106 -24.66 -1.63 19.23
C GLU C 106 -24.65 -0.68 18.04
N GLY C 107 -24.77 -1.26 16.85
CA GLY C 107 -24.81 -0.46 15.64
C GLY C 107 -23.52 0.02 15.04
N VAL C 108 -22.44 -0.67 15.38
CA VAL C 108 -21.13 -0.32 14.87
C VAL C 108 -21.05 -0.80 13.42
N CYS C 109 -21.83 -1.81 13.07
CA CYS C 109 -21.86 -2.32 11.70
C CYS C 109 -23.29 -2.63 11.27
N THR C 110 -23.54 -2.57 9.97
CA THR C 110 -24.86 -2.90 9.41
C THR C 110 -24.70 -4.33 8.87
N ASN C 111 -25.81 -5.00 8.56
CA ASN C 111 -25.73 -6.36 8.03
C ASN C 111 -24.93 -6.41 6.73
N ASP C 112 -24.58 -5.24 6.22
CA ASP C 112 -23.82 -5.14 4.99
C ASP C 112 -22.32 -5.06 5.23
N ASN C 113 -21.92 -4.48 6.35
CA ASN C 113 -20.49 -4.39 6.63
C ASN C 113 -20.00 -5.21 7.85
N ILE C 114 -20.85 -6.11 8.35
CA ILE C 114 -20.45 -6.91 9.49
C ILE C 114 -19.36 -7.90 9.06
N PRO C 115 -18.28 -7.97 9.83
CA PRO C 115 -17.18 -8.89 9.51
C PRO C 115 -17.59 -10.32 9.70
N SER C 116 -16.92 -11.21 8.99
CA SER C 116 -17.18 -12.63 9.14
C SER C 116 -16.49 -12.97 10.46
N VAL C 117 -16.92 -14.07 11.09
CA VAL C 117 -16.33 -14.51 12.34
C VAL C 117 -14.84 -14.73 12.17
N SER C 118 -14.48 -15.28 11.01
CA SER C 118 -13.13 -15.55 10.61
C SER C 118 -12.33 -14.26 10.69
N SER C 119 -12.85 -13.23 10.05
CA SER C 119 -12.20 -11.93 10.03
C SER C 119 -12.09 -11.39 11.44
N ILE C 120 -13.12 -11.58 12.25
CA ILE C 120 -13.11 -11.15 13.64
C ILE C 120 -11.92 -11.81 14.38
N ASN C 121 -11.78 -13.13 14.24
CA ASN C 121 -10.68 -13.81 14.91
C ASN C 121 -9.33 -13.38 14.31
N ARG C 122 -9.35 -13.08 13.02
CA ARG C 122 -8.16 -12.62 12.33
C ARG C 122 -7.78 -11.25 12.93
N VAL C 123 -8.79 -10.41 13.11
CA VAL C 123 -8.58 -9.12 13.71
C VAL C 123 -7.96 -9.32 15.07
N LEU C 124 -8.55 -10.22 15.84
CA LEU C 124 -8.07 -10.52 17.18
C LEU C 124 -6.65 -11.03 17.15
N ARG C 125 -6.33 -11.85 16.17
CA ARG C 125 -4.97 -12.36 16.11
C ARG C 125 -4.00 -11.24 15.76
N ASN C 126 -4.42 -10.40 14.81
CA ASN C 126 -3.60 -9.29 14.38
C ASN C 126 -3.29 -8.37 15.57
N LEU C 127 -4.30 -8.12 16.41
CA LEU C 127 -4.07 -7.29 17.59
C LEU C 127 -3.09 -7.93 18.58
N ALA C 128 -3.23 -9.25 18.76
CA ALA C 128 -2.39 -10.02 19.67
C ALA C 128 -0.90 -9.88 19.40
N SER C 129 -0.50 -10.09 18.16
CA SER C 129 0.90 -9.98 17.79
C SER C 129 1.31 -8.53 17.77
N GLU C 130 0.41 -7.66 17.35
CA GLU C 130 0.69 -6.24 17.31
C GLU C 130 1.24 -5.78 18.64
N LYS C 131 0.64 -6.21 19.75
CA LYS C 131 1.15 -5.77 21.03
C LYS C 131 2.34 -6.56 21.55
N GLN C 132 2.76 -7.55 20.76
CA GLN C 132 3.95 -8.31 21.10
C GLN C 132 5.11 -7.52 20.49
N GLN C 133 4.88 -6.94 19.32
CA GLN C 133 5.86 -6.11 18.61
C GLN C 133 6.66 -5.22 19.57
#